data_2BXN
#
_entry.id   2BXN
#
_cell.length_a   188.230
_cell.length_b   38.810
_cell.length_c   95.650
_cell.angle_alpha   90.00
_cell.angle_beta   105.09
_cell.angle_gamma   90.00
#
_symmetry.space_group_name_H-M   'C 1 2 1'
#
loop_
_entity.id
_entity.type
_entity.pdbx_description
1 polymer 'SERUM ALBUMIN'
2 non-polymer 'MYRISTIC ACID'
3 non-polymer '3-[5-[(3-CARBOXY-2,4,6-TRIIODO-PHENYL)CARBAMOYL]PENTANOYLAMINO]-2,4,6-TRIIODO-BENZOIC ACID'
4 water water
#
_entity_poly.entity_id   1
_entity_poly.type   'polypeptide(L)'
_entity_poly.pdbx_seq_one_letter_code
;DAHKSEVAHRFKDLGEENFKALVLIAFAQYLQQCPFEDHVKLVNEVTEFAKTCVADESAENCDKSLHTLFGDKLCTVATL
RETYGEMADCCAKQEPERNECFLQHKDDNPNLPRLVRPEVDVMCTAFHDNEETFLKKYLYEIARRHPYFYAPELLFFAKR
YKAAFTECCQAADKAACLLPKLDELRDEGKASSAKQRLKCASLQKFGERAFKAWAVARLSQRFPKAEFAEVSKLVTDLTK
VHTECCHGDLLECADDRADLAKYICENQDSISSKLKECCEKPLLEKSHCIAEVENDEMPADLPSLAADFVESKDVCKNYA
EAKDVFLGMFLYEYARRHPDYSVVLLLRLAKTYETTLEKCCAAADPHECYAKVFDEFKPLVEEPQNLIKQNCELFEQLGE
YKFQNALLVRYTKKVPQVSTPTLVEVSRNLGKVGSKCCKHPEAKRMPCAEDYLSVVLNQLCVLHEKTPVSDRVTKCCTES
LVNRRPCFSALEVDETYVPKEFNAETFTFHADICTLSEKERQIKKQTALVELVKHKPKATKEQLKAVMDDFAAFVEKCCK
ADDKETCFAEEGKKLVAASQAALGL
;
_entity_poly.pdbx_strand_id   A
#
loop_
_chem_comp.id
_chem_comp.type
_chem_comp.name
_chem_comp.formula
IDB non-polymer '3-[5-[(3-CARBOXY-2,4,6-TRIIODO-PHENYL)CARBAMOYL]PENTANOYLAMINO]-2,4,6-TRIIODO-BENZOIC ACID' 'C20 H14 I6 N2 O6'
MYR non-polymer 'MYRISTIC ACID' 'C14 H28 O2'
#
# COMPACT_ATOMS: atom_id res chain seq x y z
N HIS A 3 1.88 -13.16 -33.72
CA HIS A 3 1.94 -14.23 -34.77
C HIS A 3 3.34 -14.82 -34.84
N LYS A 4 4.04 -14.56 -35.94
CA LYS A 4 5.39 -15.07 -36.11
C LYS A 4 6.38 -14.15 -35.41
N SER A 5 6.00 -12.89 -35.19
CA SER A 5 6.90 -11.95 -34.53
C SER A 5 6.32 -11.36 -33.25
N GLU A 6 7.05 -11.55 -32.16
CA GLU A 6 6.61 -11.06 -30.87
C GLU A 6 6.74 -9.55 -30.75
N VAL A 7 7.95 -9.03 -30.97
CA VAL A 7 8.18 -7.58 -30.87
C VAL A 7 7.14 -6.83 -31.68
N ALA A 8 6.97 -7.21 -32.93
CA ALA A 8 6.03 -6.58 -33.82
C ALA A 8 4.61 -6.56 -33.24
N HIS A 9 4.20 -7.69 -32.67
CA HIS A 9 2.88 -7.81 -32.08
C HIS A 9 2.66 -6.84 -30.93
N ARG A 10 3.62 -6.80 -30.02
CA ARG A 10 3.54 -5.91 -28.87
C ARG A 10 3.58 -4.48 -29.36
N PHE A 11 4.42 -4.23 -30.36
CA PHE A 11 4.52 -2.90 -30.91
C PHE A 11 3.17 -2.50 -31.47
N LYS A 12 2.61 -3.37 -32.30
CA LYS A 12 1.31 -3.09 -32.89
C LYS A 12 0.18 -2.79 -31.89
N ASP A 13 -0.05 -3.63 -30.88
CA ASP A 13 -1.15 -3.28 -30.00
C ASP A 13 -0.85 -2.39 -28.79
N LEU A 14 0.41 -2.04 -28.58
CA LEU A 14 0.74 -1.15 -27.48
C LEU A 14 0.80 0.27 -28.02
N GLY A 15 1.44 0.42 -29.17
CA GLY A 15 1.60 1.73 -29.77
C GLY A 15 3.03 2.19 -29.57
N GLU A 16 3.52 3.06 -30.45
CA GLU A 16 4.89 3.53 -30.33
C GLU A 16 5.14 4.21 -28.98
N GLU A 17 4.32 5.19 -28.66
CA GLU A 17 4.49 5.92 -27.41
C GLU A 17 4.57 5.04 -26.17
N ASN A 18 3.59 4.15 -25.99
CA ASN A 18 3.58 3.27 -24.82
C ASN A 18 4.73 2.30 -24.83
N PHE A 19 5.05 1.79 -26.02
CA PHE A 19 6.15 0.85 -26.21
C PHE A 19 7.45 1.50 -25.73
N LYS A 20 7.76 2.65 -26.33
CA LYS A 20 8.96 3.38 -25.97
C LYS A 20 9.10 3.62 -24.47
N ALA A 21 8.00 3.92 -23.80
CA ALA A 21 8.05 4.17 -22.35
C ALA A 21 8.27 2.88 -21.54
N LEU A 22 7.66 1.79 -21.97
CA LEU A 22 7.79 0.53 -21.28
C LEU A 22 9.20 0.01 -21.40
N VAL A 23 9.74 -0.02 -22.60
CA VAL A 23 11.11 -0.50 -22.78
C VAL A 23 12.03 0.30 -21.87
N LEU A 24 11.77 1.60 -21.77
CA LEU A 24 12.60 2.45 -20.93
C LEU A 24 12.57 1.95 -19.48
N ILE A 25 11.37 1.78 -18.94
CA ILE A 25 11.20 1.33 -17.57
C ILE A 25 11.83 -0.03 -17.37
N ALA A 26 11.64 -0.91 -18.34
CA ALA A 26 12.16 -2.26 -18.29
C ALA A 26 13.67 -2.27 -18.13
N PHE A 27 14.36 -1.48 -18.95
CA PHE A 27 15.80 -1.41 -18.89
C PHE A 27 16.30 -0.69 -17.66
N ALA A 28 15.57 0.35 -17.25
CA ALA A 28 15.97 1.09 -16.07
C ALA A 28 15.88 0.21 -14.83
N GLN A 29 15.05 -0.82 -14.89
CA GLN A 29 14.88 -1.72 -13.76
C GLN A 29 15.99 -2.74 -13.62
N TYR A 30 16.59 -3.17 -14.72
CA TYR A 30 17.67 -4.14 -14.68
C TYR A 30 19.02 -3.40 -14.61
N LEU A 31 19.17 -2.33 -15.39
CA LEU A 31 20.40 -1.56 -15.41
C LEU A 31 20.21 -0.28 -14.64
N GLN A 32 20.03 -0.45 -13.34
CA GLN A 32 19.81 0.65 -12.41
C GLN A 32 20.93 1.64 -12.26
N GLN A 33 22.11 1.33 -12.83
CA GLN A 33 23.26 2.20 -12.69
C GLN A 33 23.68 2.99 -13.94
N CYS A 34 23.14 2.65 -15.10
CA CYS A 34 23.51 3.38 -16.30
C CYS A 34 22.87 4.77 -16.34
N PRO A 35 23.53 5.73 -16.99
CA PRO A 35 22.98 7.07 -17.07
C PRO A 35 21.78 7.15 -18.00
N PHE A 36 20.93 8.15 -17.76
CA PHE A 36 19.74 8.34 -18.56
C PHE A 36 20.01 8.28 -20.06
N GLU A 37 20.92 9.12 -20.54
CA GLU A 37 21.24 9.15 -21.97
C GLU A 37 21.55 7.77 -22.57
N ASP A 38 22.05 6.84 -21.76
CA ASP A 38 22.39 5.51 -22.28
C ASP A 38 21.15 4.66 -22.53
N HIS A 39 20.15 4.78 -21.65
CA HIS A 39 18.92 4.03 -21.81
C HIS A 39 18.16 4.53 -23.04
N VAL A 40 18.22 5.84 -23.26
CA VAL A 40 17.54 6.45 -24.40
C VAL A 40 18.05 5.86 -25.71
N LYS A 41 19.35 5.55 -25.76
CA LYS A 41 19.93 4.99 -26.96
C LYS A 41 19.36 3.60 -27.18
N LEU A 42 19.33 2.81 -26.12
CA LEU A 42 18.79 1.46 -26.20
C LEU A 42 17.35 1.48 -26.68
N VAL A 43 16.53 2.33 -26.06
CA VAL A 43 15.13 2.45 -26.42
C VAL A 43 15.00 2.71 -27.91
N ASN A 44 15.71 3.71 -28.41
CA ASN A 44 15.68 4.05 -29.84
C ASN A 44 16.11 2.86 -30.71
N GLU A 45 17.15 2.16 -30.30
CA GLU A 45 17.62 1.00 -31.06
C GLU A 45 16.58 -0.11 -31.11
N VAL A 46 15.94 -0.38 -29.96
CA VAL A 46 14.93 -1.42 -29.89
C VAL A 46 13.66 -1.00 -30.63
N THR A 47 13.30 0.29 -30.56
CA THR A 47 12.11 0.78 -31.25
C THR A 47 12.35 0.69 -32.74
N GLU A 48 13.55 1.07 -33.14
CA GLU A 48 13.94 1.02 -34.53
C GLU A 48 13.83 -0.42 -35.00
N PHE A 49 14.36 -1.35 -34.20
CA PHE A 49 14.28 -2.75 -34.54
C PHE A 49 12.81 -3.14 -34.70
N ALA A 50 12.02 -2.85 -33.68
CA ALA A 50 10.59 -3.15 -33.70
C ALA A 50 9.94 -2.75 -35.02
N LYS A 51 10.10 -1.49 -35.41
CA LYS A 51 9.50 -0.99 -36.64
C LYS A 51 9.87 -1.84 -37.87
N THR A 52 11.09 -2.37 -37.86
CA THR A 52 11.58 -3.23 -38.92
C THR A 52 10.70 -4.47 -39.01
N CYS A 53 10.42 -5.04 -37.85
CA CYS A 53 9.62 -6.25 -37.73
C CYS A 53 8.16 -5.99 -38.05
N VAL A 54 7.70 -4.78 -37.76
CA VAL A 54 6.33 -4.40 -38.02
C VAL A 54 6.15 -4.48 -39.53
N ALA A 55 7.09 -3.90 -40.26
CA ALA A 55 7.07 -3.86 -41.72
C ALA A 55 7.21 -5.21 -42.40
N ASP A 56 7.85 -6.15 -41.73
CA ASP A 56 8.04 -7.48 -42.27
C ASP A 56 8.38 -8.43 -41.13
N GLU A 57 7.40 -9.24 -40.72
CA GLU A 57 7.63 -10.17 -39.61
C GLU A 57 8.74 -11.18 -39.91
N SER A 58 9.45 -11.01 -41.02
CA SER A 58 10.49 -11.95 -41.36
C SER A 58 11.92 -11.41 -41.38
N ALA A 59 12.09 -10.12 -41.12
CA ALA A 59 13.42 -9.52 -41.10
C ALA A 59 14.24 -10.25 -40.03
N GLU A 60 15.56 -10.19 -40.14
CA GLU A 60 16.42 -10.88 -39.19
C GLU A 60 15.91 -10.71 -37.76
N ASN A 61 16.13 -11.75 -36.96
CA ASN A 61 15.78 -11.79 -35.54
C ASN A 61 14.36 -11.46 -35.12
N CYS A 62 13.51 -11.01 -36.04
CA CYS A 62 12.15 -10.67 -35.66
C CYS A 62 11.37 -11.87 -35.14
N ASP A 63 11.93 -13.06 -35.30
CA ASP A 63 11.27 -14.26 -34.84
C ASP A 63 11.67 -14.62 -33.41
N LYS A 64 12.83 -14.12 -32.96
CA LYS A 64 13.29 -14.41 -31.62
C LYS A 64 12.28 -13.94 -30.57
N SER A 65 12.30 -14.60 -29.41
CA SER A 65 11.38 -14.27 -28.33
C SER A 65 11.87 -13.03 -27.60
N LEU A 66 10.94 -12.29 -27.01
CA LEU A 66 11.26 -11.08 -26.27
C LEU A 66 12.35 -11.31 -25.23
N HIS A 67 12.24 -12.38 -24.45
CA HIS A 67 13.23 -12.70 -23.42
C HIS A 67 14.63 -12.78 -24.03
N THR A 68 14.72 -13.48 -25.15
CA THR A 68 15.98 -13.63 -25.87
C THR A 68 16.48 -12.28 -26.37
N LEU A 69 15.61 -11.56 -27.07
CA LEU A 69 15.96 -10.26 -27.59
C LEU A 69 16.39 -9.32 -26.48
N PHE A 70 15.60 -9.28 -25.41
CA PHE A 70 15.87 -8.43 -24.27
C PHE A 70 17.22 -8.72 -23.62
N GLY A 71 17.53 -9.99 -23.43
CA GLY A 71 18.79 -10.36 -22.83
C GLY A 71 19.98 -10.07 -23.73
N ASP A 72 19.79 -10.23 -25.04
CA ASP A 72 20.89 -9.98 -25.95
C ASP A 72 21.30 -8.52 -25.95
N LYS A 73 20.33 -7.61 -25.96
CA LYS A 73 20.68 -6.20 -25.94
C LYS A 73 21.26 -5.87 -24.58
N LEU A 74 20.74 -6.57 -23.57
CA LEU A 74 21.20 -6.37 -22.20
C LEU A 74 22.67 -6.78 -22.11
N CYS A 75 23.02 -7.89 -22.76
CA CYS A 75 24.39 -8.37 -22.73
C CYS A 75 25.31 -7.59 -23.67
N THR A 76 24.71 -6.68 -24.40
CA THR A 76 25.37 -5.80 -25.35
C THR A 76 26.17 -4.75 -24.61
N VAL A 77 25.60 -4.25 -23.51
CA VAL A 77 26.25 -3.22 -22.71
C VAL A 77 27.68 -3.62 -22.37
N ALA A 78 28.64 -2.78 -22.78
CA ALA A 78 30.07 -3.01 -22.57
C ALA A 78 30.60 -2.97 -21.13
N THR A 79 30.21 -1.96 -20.37
CA THR A 79 30.67 -1.83 -19.00
C THR A 79 29.85 -2.73 -18.09
N LEU A 80 29.15 -3.69 -18.67
CA LEU A 80 28.32 -4.60 -17.90
C LEU A 80 29.14 -5.18 -16.74
N ARG A 81 30.28 -5.78 -17.08
CA ARG A 81 31.18 -6.39 -16.11
C ARG A 81 31.85 -5.39 -15.17
N GLU A 82 32.41 -4.31 -15.71
CA GLU A 82 33.07 -3.32 -14.88
C GLU A 82 32.10 -2.62 -13.93
N THR A 83 30.85 -2.44 -14.36
CA THR A 83 29.84 -1.76 -13.55
C THR A 83 28.96 -2.66 -12.70
N TYR A 84 28.51 -3.77 -13.27
CA TYR A 84 27.62 -4.66 -12.54
C TYR A 84 28.26 -5.96 -12.07
N GLY A 85 29.49 -6.22 -12.55
CA GLY A 85 30.18 -7.42 -12.15
C GLY A 85 29.47 -8.75 -12.39
N GLU A 86 29.07 -9.40 -11.31
CA GLU A 86 28.39 -10.69 -11.37
C GLU A 86 27.31 -10.82 -12.45
N MET A 87 26.52 -9.77 -12.65
CA MET A 87 25.46 -9.78 -13.64
C MET A 87 25.96 -10.17 -15.03
N ALA A 88 27.16 -9.70 -15.37
CA ALA A 88 27.78 -10.00 -16.66
C ALA A 88 27.90 -11.50 -16.88
N ASP A 89 28.08 -12.27 -15.81
CA ASP A 89 28.21 -13.71 -15.93
C ASP A 89 26.91 -14.36 -16.39
N CYS A 90 25.82 -13.62 -16.32
CA CYS A 90 24.54 -14.12 -16.78
C CYS A 90 24.64 -14.33 -18.29
N CYS A 91 25.30 -13.39 -18.94
CA CYS A 91 25.47 -13.41 -20.38
C CYS A 91 26.08 -14.71 -20.89
N ALA A 92 26.80 -15.39 -20.00
CA ALA A 92 27.42 -16.67 -20.34
C ALA A 92 26.36 -17.75 -20.38
N LYS A 93 25.37 -17.64 -19.51
CA LYS A 93 24.30 -18.64 -19.45
C LYS A 93 23.37 -18.51 -20.66
N GLN A 94 22.54 -19.52 -20.86
CA GLN A 94 21.60 -19.47 -21.97
C GLN A 94 20.19 -19.26 -21.43
N GLU A 95 19.25 -19.05 -22.34
CA GLU A 95 17.88 -18.83 -21.95
C GLU A 95 17.36 -20.21 -21.56
N PRO A 96 16.54 -20.30 -20.50
CA PRO A 96 16.05 -19.23 -19.64
C PRO A 96 16.87 -18.95 -18.40
N GLU A 97 17.98 -19.67 -18.23
CA GLU A 97 18.82 -19.44 -17.05
C GLU A 97 19.32 -17.98 -17.09
N ARG A 98 19.55 -17.48 -18.29
CA ARG A 98 20.01 -16.12 -18.45
C ARG A 98 19.02 -15.12 -17.86
N ASN A 99 17.75 -15.24 -18.22
CA ASN A 99 16.73 -14.34 -17.70
C ASN A 99 16.56 -14.58 -16.20
N GLU A 100 16.60 -15.84 -15.79
CA GLU A 100 16.49 -16.17 -14.39
C GLU A 100 17.66 -15.51 -13.63
N CYS A 101 18.84 -15.57 -14.25
CA CYS A 101 20.03 -14.97 -13.68
C CYS A 101 19.87 -13.46 -13.53
N PHE A 102 19.27 -12.81 -14.53
CA PHE A 102 19.07 -11.36 -14.42
C PHE A 102 18.11 -11.02 -13.30
N LEU A 103 17.08 -11.84 -13.13
CA LEU A 103 16.10 -11.61 -12.09
C LEU A 103 16.75 -11.61 -10.71
N GLN A 104 17.65 -12.58 -10.48
CA GLN A 104 18.33 -12.72 -9.19
C GLN A 104 19.32 -11.60 -8.86
N HIS A 105 19.68 -10.79 -9.86
CA HIS A 105 20.65 -9.73 -9.62
C HIS A 105 20.08 -8.33 -9.60
N LYS A 106 18.76 -8.23 -9.52
CA LYS A 106 18.12 -6.94 -9.49
C LYS A 106 18.05 -6.46 -8.03
N ASP A 107 18.74 -5.38 -7.71
CA ASP A 107 18.73 -4.86 -6.35
C ASP A 107 17.48 -4.01 -6.08
N ASP A 108 16.66 -4.46 -5.12
CA ASP A 108 15.41 -3.77 -4.75
C ASP A 108 15.60 -2.48 -3.93
N ASN A 109 16.81 -2.29 -3.40
CA ASN A 109 17.09 -1.09 -2.62
C ASN A 109 18.49 -0.58 -2.94
N PRO A 110 18.66 -0.05 -4.17
CA PRO A 110 19.96 0.49 -4.59
C PRO A 110 20.39 1.69 -3.76
N ASN A 111 21.69 1.94 -3.71
CA ASN A 111 22.22 3.05 -2.93
C ASN A 111 22.22 4.33 -3.75
N LEU A 112 21.05 4.71 -4.23
CA LEU A 112 20.90 5.93 -5.01
C LEU A 112 20.49 7.03 -4.06
N PRO A 113 20.84 8.29 -4.39
CA PRO A 113 20.50 9.43 -3.54
C PRO A 113 19.00 9.69 -3.56
N ARG A 114 18.46 10.24 -2.47
CA ARG A 114 17.04 10.54 -2.42
C ARG A 114 16.72 11.52 -3.53
N LEU A 115 15.66 11.23 -4.28
CA LEU A 115 15.27 12.10 -5.39
C LEU A 115 14.70 13.40 -4.81
N VAL A 116 15.24 14.55 -5.21
CA VAL A 116 14.72 15.81 -4.67
C VAL A 116 13.78 16.57 -5.59
N ARG A 117 12.79 17.19 -4.98
CA ARG A 117 11.79 17.97 -5.70
C ARG A 117 12.29 19.40 -5.87
N PRO A 118 12.52 19.82 -7.12
CA PRO A 118 13.00 21.19 -7.35
C PRO A 118 11.86 22.18 -7.19
N GLU A 119 12.15 23.45 -7.45
CA GLU A 119 11.17 24.52 -7.36
C GLU A 119 10.19 24.45 -8.53
N VAL A 120 8.91 24.69 -8.23
CA VAL A 120 7.85 24.67 -9.25
C VAL A 120 8.24 25.35 -10.54
N ASP A 121 8.85 26.53 -10.41
CA ASP A 121 9.26 27.30 -11.57
C ASP A 121 10.24 26.55 -12.46
N VAL A 122 11.23 25.91 -11.85
CA VAL A 122 12.19 25.18 -12.67
C VAL A 122 11.47 23.98 -13.28
N MET A 123 10.64 23.30 -12.48
CA MET A 123 9.88 22.16 -12.99
C MET A 123 9.06 22.56 -14.21
N CYS A 124 8.16 23.51 -13.99
CA CYS A 124 7.30 24.00 -15.04
C CYS A 124 8.07 24.48 -16.27
N THR A 125 9.21 25.16 -16.06
CA THR A 125 10.00 25.63 -17.19
C THR A 125 10.63 24.46 -17.95
N ALA A 126 11.25 23.52 -17.22
CA ALA A 126 11.88 22.35 -17.82
C ALA A 126 10.78 21.58 -18.56
N PHE A 127 9.60 21.53 -17.93
CA PHE A 127 8.46 20.86 -18.48
C PHE A 127 8.12 21.47 -19.85
N HIS A 128 7.81 22.76 -19.87
CA HIS A 128 7.48 23.46 -21.10
C HIS A 128 8.55 23.34 -22.20
N ASP A 129 9.81 23.48 -21.81
CA ASP A 129 10.89 23.42 -22.78
C ASP A 129 11.22 22.03 -23.32
N ASN A 130 10.61 21.00 -22.77
CA ASN A 130 10.90 19.64 -23.25
C ASN A 130 10.08 18.57 -22.53
N GLU A 131 8.76 18.62 -22.70
CA GLU A 131 7.89 17.64 -22.06
C GLU A 131 8.50 16.23 -22.10
N GLU A 132 9.04 15.87 -23.27
CA GLU A 132 9.62 14.55 -23.48
C GLU A 132 10.73 14.13 -22.50
N THR A 133 11.92 14.70 -22.64
CA THR A 133 13.02 14.33 -21.75
C THR A 133 12.71 14.57 -20.28
N PHE A 134 11.92 15.61 -20.00
CA PHE A 134 11.55 15.93 -18.63
C PHE A 134 10.82 14.75 -17.98
N LEU A 135 9.86 14.19 -18.68
CA LEU A 135 9.09 13.06 -18.18
C LEU A 135 9.85 11.72 -18.25
N LYS A 136 10.54 11.44 -19.35
CA LYS A 136 11.27 10.19 -19.48
C LYS A 136 12.42 10.13 -18.49
N LYS A 137 13.03 11.28 -18.24
CA LYS A 137 14.16 11.36 -17.30
C LYS A 137 13.69 11.00 -15.91
N TYR A 138 12.52 11.48 -15.51
CA TYR A 138 11.99 11.18 -14.19
C TYR A 138 11.43 9.78 -14.10
N LEU A 139 10.85 9.32 -15.18
CA LEU A 139 10.30 7.98 -15.24
C LEU A 139 11.50 7.02 -15.02
N TYR A 140 12.65 7.39 -15.57
CA TYR A 140 13.88 6.62 -15.44
C TYR A 140 14.35 6.57 -13.98
N GLU A 141 14.36 7.72 -13.33
CA GLU A 141 14.77 7.86 -11.93
C GLU A 141 13.88 7.05 -10.95
N ILE A 142 12.58 7.00 -11.23
CA ILE A 142 11.67 6.27 -10.38
C ILE A 142 11.84 4.76 -10.60
N ALA A 143 11.92 4.35 -11.86
CA ALA A 143 12.04 2.93 -12.21
C ALA A 143 13.32 2.28 -11.69
N ARG A 144 14.45 2.97 -11.75
CA ARG A 144 15.70 2.40 -11.25
C ARG A 144 15.65 2.22 -9.73
N ARG A 145 14.81 3.01 -9.07
CA ARG A 145 14.66 2.94 -7.63
C ARG A 145 13.63 1.90 -7.17
N HIS A 146 12.69 1.56 -8.04
CA HIS A 146 11.68 0.56 -7.70
C HIS A 146 11.66 -0.45 -8.84
N PRO A 147 12.72 -1.25 -8.95
CA PRO A 147 12.91 -2.29 -9.97
C PRO A 147 11.86 -3.36 -10.01
N TYR A 148 10.95 -3.36 -9.03
CA TYR A 148 9.90 -4.36 -8.95
C TYR A 148 8.50 -3.81 -9.20
N PHE A 149 8.40 -2.49 -9.30
CA PHE A 149 7.11 -1.86 -9.54
C PHE A 149 6.61 -2.28 -10.92
N TYR A 150 5.40 -2.82 -10.99
CA TYR A 150 4.82 -3.25 -12.27
C TYR A 150 4.88 -2.10 -13.28
N ALA A 151 5.68 -2.26 -14.33
CA ALA A 151 5.87 -1.23 -15.35
C ALA A 151 4.62 -0.47 -15.82
N PRO A 152 3.61 -1.19 -16.32
CA PRO A 152 2.40 -0.51 -16.79
C PRO A 152 1.78 0.44 -15.76
N GLU A 153 1.85 0.04 -14.50
CA GLU A 153 1.27 0.82 -13.41
C GLU A 153 2.09 2.08 -13.21
N LEU A 154 3.40 1.94 -13.44
CA LEU A 154 4.32 3.04 -13.30
C LEU A 154 3.98 4.01 -14.41
N LEU A 155 3.61 3.44 -15.56
CA LEU A 155 3.25 4.24 -16.70
C LEU A 155 1.93 4.96 -16.39
N PHE A 156 1.02 4.29 -15.69
CA PHE A 156 -0.26 4.90 -15.34
C PHE A 156 -0.01 6.17 -14.53
N PHE A 157 0.93 6.10 -13.60
CA PHE A 157 1.28 7.24 -12.76
C PHE A 157 1.90 8.39 -13.56
N ALA A 158 2.74 8.08 -14.53
CA ALA A 158 3.38 9.09 -15.36
C ALA A 158 2.38 10.01 -16.04
N LYS A 159 1.30 9.43 -16.53
CA LYS A 159 0.27 10.21 -17.22
C LYS A 159 -0.46 11.17 -16.27
N ARG A 160 -0.53 10.83 -14.99
CA ARG A 160 -1.20 11.71 -14.03
C ARG A 160 -0.29 12.83 -13.60
N TYR A 161 1.02 12.58 -13.68
CA TYR A 161 1.99 13.61 -13.36
C TYR A 161 1.96 14.62 -14.50
N LYS A 162 1.92 14.10 -15.72
CA LYS A 162 1.86 14.94 -16.91
C LYS A 162 0.61 15.81 -16.83
N ALA A 163 -0.50 15.21 -16.45
CA ALA A 163 -1.75 15.95 -16.34
C ALA A 163 -1.63 17.09 -15.34
N ALA A 164 -0.95 16.82 -14.23
CA ALA A 164 -0.76 17.82 -13.20
C ALA A 164 0.10 19.00 -13.68
N PHE A 165 1.10 18.70 -14.50
CA PHE A 165 1.94 19.79 -14.99
C PHE A 165 1.18 20.59 -16.03
N THR A 166 0.56 19.90 -16.98
CA THR A 166 -0.22 20.58 -18.01
C THR A 166 -1.19 21.57 -17.39
N GLU A 167 -1.98 21.08 -16.44
CA GLU A 167 -2.97 21.92 -15.79
C GLU A 167 -2.37 23.03 -14.96
N CYS A 168 -1.52 22.66 -14.02
CA CYS A 168 -0.93 23.63 -13.14
C CYS A 168 0.09 24.61 -13.66
N CYS A 169 0.93 24.22 -14.61
CA CYS A 169 1.93 25.15 -15.11
C CYS A 169 1.34 26.36 -15.87
N GLN A 170 0.03 26.35 -16.08
CA GLN A 170 -0.67 27.45 -16.76
C GLN A 170 -1.45 28.24 -15.73
N ALA A 171 -1.60 27.66 -14.54
CA ALA A 171 -2.35 28.28 -13.45
C ALA A 171 -1.82 29.65 -13.04
N ALA A 172 -2.71 30.42 -12.42
CA ALA A 172 -2.38 31.75 -11.94
C ALA A 172 -1.40 31.57 -10.80
N ASP A 173 -1.64 30.56 -9.98
CA ASP A 173 -0.76 30.25 -8.86
C ASP A 173 -0.29 28.81 -8.96
N LYS A 174 0.83 28.62 -9.66
CA LYS A 174 1.44 27.31 -9.88
C LYS A 174 1.61 26.45 -8.64
N ALA A 175 2.34 26.96 -7.65
CA ALA A 175 2.57 26.23 -6.42
C ALA A 175 1.27 25.69 -5.81
N ALA A 176 0.35 26.58 -5.48
CA ALA A 176 -0.93 26.19 -4.87
C ALA A 176 -1.71 25.18 -5.70
N CYS A 177 -1.35 25.04 -6.97
CA CYS A 177 -2.02 24.08 -7.83
C CYS A 177 -1.24 22.76 -7.90
N LEU A 178 0.07 22.87 -8.11
CA LEU A 178 0.94 21.71 -8.27
C LEU A 178 1.37 20.96 -7.02
N LEU A 179 1.94 21.67 -6.05
CA LEU A 179 2.41 21.05 -4.82
C LEU A 179 1.45 20.04 -4.23
N PRO A 180 0.18 20.42 -4.07
CA PRO A 180 -0.74 19.44 -3.49
C PRO A 180 -0.94 18.22 -4.39
N LYS A 181 -1.04 18.43 -5.70
CA LYS A 181 -1.23 17.28 -6.59
C LYS A 181 -0.01 16.38 -6.53
N LEU A 182 1.17 16.98 -6.43
CA LEU A 182 2.42 16.24 -6.36
C LEU A 182 2.55 15.45 -5.05
N ASP A 183 2.21 16.06 -3.93
CA ASP A 183 2.30 15.35 -2.65
C ASP A 183 1.32 14.19 -2.65
N GLU A 184 0.12 14.44 -3.14
CA GLU A 184 -0.90 13.40 -3.22
C GLU A 184 -0.39 12.25 -4.09
N LEU A 185 0.29 12.62 -5.17
CA LEU A 185 0.82 11.65 -6.10
C LEU A 185 1.91 10.74 -5.52
N ARG A 186 2.89 11.31 -4.83
CA ARG A 186 3.93 10.45 -4.30
C ARG A 186 3.42 9.59 -3.15
N ASP A 187 2.47 10.13 -2.38
CA ASP A 187 1.89 9.37 -1.28
C ASP A 187 1.19 8.16 -1.84
N GLU A 188 0.38 8.38 -2.87
CA GLU A 188 -0.36 7.31 -3.51
C GLU A 188 0.60 6.31 -4.15
N GLY A 189 1.67 6.83 -4.76
CA GLY A 189 2.66 5.95 -5.38
C GLY A 189 3.31 5.11 -4.30
N LYS A 190 3.63 5.75 -3.19
CA LYS A 190 4.24 5.07 -2.05
C LYS A 190 3.34 3.93 -1.55
N ALA A 191 2.05 4.22 -1.48
CA ALA A 191 1.08 3.24 -1.01
C ALA A 191 0.97 2.09 -2.00
N SER A 192 0.96 2.42 -3.28
CA SER A 192 0.87 1.40 -4.32
C SER A 192 2.06 0.45 -4.20
N SER A 193 3.24 1.01 -3.95
CA SER A 193 4.44 0.20 -3.82
C SER A 193 4.42 -0.65 -2.55
N ALA A 194 4.07 -0.03 -1.43
CA ALA A 194 4.03 -0.75 -0.16
C ALA A 194 3.09 -1.94 -0.29
N LYS A 195 1.98 -1.74 -0.99
CA LYS A 195 1.01 -2.80 -1.18
C LYS A 195 1.55 -3.97 -1.99
N GLN A 196 2.16 -3.68 -3.13
CA GLN A 196 2.70 -4.73 -3.99
C GLN A 196 3.70 -5.62 -3.25
N ARG A 197 4.60 -5.00 -2.48
CA ARG A 197 5.58 -5.73 -1.70
C ARG A 197 4.88 -6.53 -0.60
N LEU A 198 3.95 -5.88 0.08
CA LEU A 198 3.21 -6.52 1.16
C LEU A 198 2.51 -7.81 0.73
N LYS A 199 1.82 -7.76 -0.40
CA LYS A 199 1.11 -8.91 -0.94
C LYS A 199 2.01 -10.05 -1.35
N CYS A 200 3.20 -9.73 -1.84
CA CYS A 200 4.13 -10.77 -2.24
C CYS A 200 4.68 -11.43 -1.00
N ALA A 201 5.04 -10.60 -0.02
CA ALA A 201 5.59 -11.09 1.24
C ALA A 201 4.63 -12.10 1.83
N SER A 202 3.36 -11.74 1.82
CA SER A 202 2.29 -12.57 2.35
C SER A 202 2.21 -13.92 1.70
N LEU A 203 2.25 -13.95 0.36
CA LEU A 203 2.18 -15.20 -0.38
C LEU A 203 3.35 -16.08 0.07
N GLN A 204 4.38 -15.44 0.61
CA GLN A 204 5.57 -16.14 1.09
C GLN A 204 5.42 -16.70 2.50
N LYS A 205 5.22 -15.82 3.47
CA LYS A 205 5.05 -16.23 4.85
C LYS A 205 3.86 -17.17 5.02
N PHE A 206 2.67 -16.57 5.03
CA PHE A 206 1.41 -17.27 5.22
C PHE A 206 1.03 -18.38 4.26
N GLY A 207 1.65 -18.44 3.09
CA GLY A 207 1.31 -19.52 2.18
C GLY A 207 0.11 -19.33 1.26
N GLU A 208 -0.02 -20.24 0.31
CA GLU A 208 -1.08 -20.18 -0.68
C GLU A 208 -2.53 -20.28 -0.18
N ARG A 209 -2.80 -21.17 0.78
CA ARG A 209 -4.15 -21.33 1.30
C ARG A 209 -4.72 -19.99 1.78
N ALA A 210 -3.96 -19.31 2.62
CA ALA A 210 -4.35 -18.03 3.18
C ALA A 210 -4.54 -16.96 2.09
N PHE A 211 -3.76 -17.06 1.02
CA PHE A 211 -3.87 -16.12 -0.05
C PHE A 211 -5.18 -16.40 -0.82
N LYS A 212 -5.40 -17.67 -1.12
CA LYS A 212 -6.59 -18.08 -1.81
C LYS A 212 -7.81 -17.64 -0.99
N ALA A 213 -7.70 -17.74 0.33
CA ALA A 213 -8.83 -17.34 1.18
C ALA A 213 -9.11 -15.85 0.99
N TRP A 214 -8.08 -15.05 1.19
CA TRP A 214 -8.16 -13.60 1.04
C TRP A 214 -8.87 -13.21 -0.26
N ALA A 215 -8.47 -13.85 -1.35
CA ALA A 215 -9.03 -13.57 -2.66
C ALA A 215 -10.51 -13.93 -2.74
N VAL A 216 -10.88 -15.08 -2.21
CA VAL A 216 -12.27 -15.49 -2.26
C VAL A 216 -13.11 -14.43 -1.58
N ALA A 217 -12.64 -13.96 -0.44
CA ALA A 217 -13.36 -12.94 0.31
C ALA A 217 -13.51 -11.68 -0.55
N ARG A 218 -12.40 -11.22 -1.09
CA ARG A 218 -12.38 -10.01 -1.90
C ARG A 218 -13.16 -10.16 -3.18
N LEU A 219 -12.90 -11.21 -3.94
CA LEU A 219 -13.61 -11.40 -5.20
C LEU A 219 -15.09 -11.52 -5.01
N SER A 220 -15.51 -12.08 -3.88
CA SER A 220 -16.91 -12.27 -3.63
C SER A 220 -17.64 -10.98 -3.26
N GLN A 221 -16.94 -10.08 -2.59
CA GLN A 221 -17.54 -8.80 -2.22
C GLN A 221 -17.79 -8.02 -3.50
N ARG A 222 -16.80 -8.04 -4.37
CA ARG A 222 -16.85 -7.32 -5.63
C ARG A 222 -17.80 -7.91 -6.65
N PHE A 223 -17.78 -9.23 -6.80
CA PHE A 223 -18.65 -9.87 -7.77
C PHE A 223 -19.68 -10.75 -7.07
N PRO A 224 -20.54 -10.13 -6.24
CA PRO A 224 -21.55 -10.90 -5.52
C PRO A 224 -22.53 -11.72 -6.36
N LYS A 225 -22.63 -11.42 -7.65
CA LYS A 225 -23.55 -12.17 -8.49
C LYS A 225 -22.90 -13.38 -9.13
N ALA A 226 -21.57 -13.41 -9.20
CA ALA A 226 -20.90 -14.53 -9.81
C ALA A 226 -21.17 -15.85 -9.08
N GLU A 227 -21.29 -16.93 -9.84
CA GLU A 227 -21.52 -18.25 -9.29
C GLU A 227 -20.20 -18.66 -8.60
N PHE A 228 -20.29 -19.47 -7.55
CA PHE A 228 -19.09 -19.89 -6.81
C PHE A 228 -18.00 -20.55 -7.64
N ALA A 229 -18.39 -21.26 -8.70
CA ALA A 229 -17.41 -21.93 -9.54
C ALA A 229 -16.59 -20.91 -10.31
N GLU A 230 -17.21 -19.79 -10.67
CA GLU A 230 -16.52 -18.73 -11.40
C GLU A 230 -15.48 -18.08 -10.49
N VAL A 231 -15.87 -17.83 -9.25
CA VAL A 231 -14.99 -17.22 -8.27
C VAL A 231 -13.79 -18.12 -7.98
N SER A 232 -14.01 -19.43 -7.96
CA SER A 232 -12.91 -20.36 -7.70
C SER A 232 -11.96 -20.31 -8.89
N LYS A 233 -12.56 -20.27 -10.09
CA LYS A 233 -11.80 -20.19 -11.31
C LYS A 233 -10.92 -18.94 -11.26
N LEU A 234 -11.52 -17.82 -10.92
CA LEU A 234 -10.80 -16.56 -10.84
C LEU A 234 -9.72 -16.55 -9.75
N VAL A 235 -10.00 -17.18 -8.62
CA VAL A 235 -9.04 -17.22 -7.51
C VAL A 235 -7.81 -18.01 -7.91
N THR A 236 -8.01 -19.05 -8.71
CA THR A 236 -6.90 -19.88 -9.15
C THR A 236 -5.99 -19.09 -10.09
N ASP A 237 -6.58 -18.44 -11.09
CA ASP A 237 -5.80 -17.65 -12.05
C ASP A 237 -5.13 -16.43 -11.39
N LEU A 238 -5.82 -15.84 -10.43
CA LEU A 238 -5.30 -14.68 -9.73
C LEU A 238 -4.06 -15.08 -8.93
N THR A 239 -4.11 -16.28 -8.35
CA THR A 239 -3.01 -16.77 -7.53
C THR A 239 -1.79 -17.06 -8.40
N LYS A 240 -2.01 -17.61 -9.59
CA LYS A 240 -0.92 -17.89 -10.49
C LYS A 240 -0.35 -16.54 -10.94
N VAL A 241 -1.23 -15.58 -11.20
CA VAL A 241 -0.83 -14.27 -11.63
C VAL A 241 0.11 -13.57 -10.65
N HIS A 242 -0.25 -13.52 -9.36
CA HIS A 242 0.60 -12.86 -8.38
C HIS A 242 1.89 -13.60 -8.06
N THR A 243 1.85 -14.93 -8.09
CA THR A 243 3.03 -15.71 -7.83
C THR A 243 4.10 -15.31 -8.85
N GLU A 244 3.70 -15.33 -10.13
CA GLU A 244 4.60 -14.98 -11.22
C GLU A 244 5.00 -13.51 -11.21
N CYS A 245 4.05 -12.62 -10.93
CA CYS A 245 4.38 -11.20 -10.88
C CYS A 245 5.25 -10.88 -9.68
N CYS A 246 5.25 -11.73 -8.67
CA CYS A 246 6.07 -11.51 -7.48
C CYS A 246 7.48 -11.97 -7.74
N HIS A 247 7.60 -13.00 -8.56
CA HIS A 247 8.89 -13.54 -8.95
C HIS A 247 9.67 -12.40 -9.63
N GLY A 248 8.93 -11.42 -10.14
CA GLY A 248 9.53 -10.25 -10.77
C GLY A 248 9.77 -10.22 -12.27
N ASP A 249 9.30 -11.23 -12.98
CA ASP A 249 9.49 -11.28 -14.43
C ASP A 249 8.37 -10.56 -15.17
N LEU A 250 8.65 -9.33 -15.58
CA LEU A 250 7.69 -8.49 -16.29
C LEU A 250 6.88 -9.13 -17.42
N LEU A 251 7.53 -9.83 -18.33
CA LEU A 251 6.82 -10.45 -19.45
C LEU A 251 5.78 -11.46 -19.07
N GLU A 252 6.20 -12.49 -18.35
CA GLU A 252 5.30 -13.52 -17.92
C GLU A 252 4.17 -12.85 -17.13
N CYS A 253 4.54 -11.96 -16.21
CA CYS A 253 3.55 -11.23 -15.41
C CYS A 253 2.50 -10.51 -16.25
N ALA A 254 2.95 -9.71 -17.22
CA ALA A 254 2.04 -8.96 -18.07
C ALA A 254 1.08 -9.83 -18.87
N ASP A 255 1.56 -10.93 -19.42
CA ASP A 255 0.69 -11.80 -20.18
C ASP A 255 -0.35 -12.50 -19.30
N ASP A 256 0.05 -12.93 -18.11
CA ASP A 256 -0.91 -13.57 -17.25
C ASP A 256 -2.01 -12.57 -16.95
N ARG A 257 -1.63 -11.32 -16.71
CA ARG A 257 -2.61 -10.29 -16.40
C ARG A 257 -3.54 -9.98 -17.54
N ALA A 258 -3.02 -9.90 -18.75
CA ALA A 258 -3.84 -9.60 -19.90
C ALA A 258 -4.82 -10.73 -20.13
N ASP A 259 -4.28 -11.95 -20.22
CA ASP A 259 -5.08 -13.14 -20.43
C ASP A 259 -6.23 -13.21 -19.43
N LEU A 260 -5.94 -12.85 -18.19
CA LEU A 260 -6.96 -12.89 -17.15
C LEU A 260 -8.02 -11.81 -17.35
N ALA A 261 -7.59 -10.67 -17.89
CA ALA A 261 -8.51 -9.57 -18.13
C ALA A 261 -9.41 -9.92 -19.31
N LYS A 262 -8.84 -10.59 -20.30
CA LYS A 262 -9.60 -10.99 -21.48
C LYS A 262 -10.59 -12.07 -21.10
N TYR A 263 -10.23 -12.89 -20.12
CA TYR A 263 -11.12 -13.95 -19.68
C TYR A 263 -12.32 -13.32 -18.99
N ILE A 264 -12.04 -12.37 -18.11
CA ILE A 264 -13.08 -11.68 -17.36
C ILE A 264 -14.05 -10.98 -18.29
N CYS A 265 -13.52 -10.16 -19.19
CA CYS A 265 -14.34 -9.39 -20.12
C CYS A 265 -15.24 -10.22 -21.01
N GLU A 266 -14.74 -11.39 -21.42
CA GLU A 266 -15.52 -12.27 -22.28
C GLU A 266 -16.69 -12.88 -21.52
N ASN A 267 -16.50 -13.16 -20.23
CA ASN A 267 -17.54 -13.76 -19.39
C ASN A 267 -18.19 -12.70 -18.52
N GLN A 268 -17.97 -11.45 -18.90
CA GLN A 268 -18.49 -10.28 -18.22
C GLN A 268 -19.86 -10.45 -17.55
N ASP A 269 -20.88 -10.79 -18.34
CA ASP A 269 -22.24 -10.95 -17.82
C ASP A 269 -22.40 -11.90 -16.64
N SER A 270 -21.71 -13.05 -16.68
CA SER A 270 -21.81 -14.02 -15.61
C SER A 270 -20.83 -13.73 -14.47
N ILE A 271 -20.34 -12.50 -14.42
CA ILE A 271 -19.39 -12.10 -13.39
C ILE A 271 -19.78 -10.80 -12.71
N SER A 272 -20.03 -9.76 -13.50
CA SER A 272 -20.40 -8.47 -12.93
C SER A 272 -21.01 -7.60 -14.00
N SER A 273 -21.80 -6.63 -13.59
CA SER A 273 -22.42 -5.74 -14.55
C SER A 273 -21.65 -4.45 -14.60
N LYS A 274 -20.74 -4.27 -13.65
CA LYS A 274 -19.97 -3.04 -13.56
C LYS A 274 -18.61 -3.05 -14.25
N LEU A 275 -18.37 -4.09 -15.05
CA LEU A 275 -17.13 -4.25 -15.79
C LEU A 275 -17.28 -3.74 -17.22
N LYS A 276 -18.30 -2.90 -17.43
CA LYS A 276 -18.59 -2.37 -18.76
C LYS A 276 -17.52 -1.40 -19.31
N GLU A 277 -17.30 -0.30 -18.60
CA GLU A 277 -16.30 0.68 -19.01
C GLU A 277 -14.96 0.00 -19.22
N CYS A 278 -14.46 -0.60 -18.14
CA CYS A 278 -13.19 -1.30 -18.13
C CYS A 278 -12.91 -2.21 -19.31
N CYS A 279 -13.94 -2.91 -19.78
CA CYS A 279 -13.75 -3.87 -20.86
C CYS A 279 -13.67 -3.37 -22.29
N GLU A 280 -14.02 -2.10 -22.49
CA GLU A 280 -13.93 -1.51 -23.83
C GLU A 280 -12.57 -0.84 -23.92
N LYS A 281 -12.00 -0.48 -22.76
CA LYS A 281 -10.70 0.18 -22.68
C LYS A 281 -9.60 -0.60 -23.40
N PRO A 282 -8.48 0.09 -23.70
CA PRO A 282 -7.33 -0.51 -24.39
C PRO A 282 -6.46 -1.42 -23.53
N LEU A 283 -5.96 -2.47 -24.17
CA LEU A 283 -5.09 -3.49 -23.58
C LEU A 283 -4.34 -3.07 -22.33
N LEU A 284 -3.56 -2.02 -22.48
CA LEU A 284 -2.74 -1.51 -21.39
C LEU A 284 -3.49 -1.24 -20.09
N GLU A 285 -4.65 -0.61 -20.18
CA GLU A 285 -5.42 -0.24 -19.00
C GLU A 285 -6.42 -1.25 -18.42
N LYS A 286 -6.96 -2.14 -19.25
CA LYS A 286 -7.93 -3.12 -18.79
C LYS A 286 -7.74 -3.62 -17.37
N SER A 287 -6.65 -4.36 -17.14
CA SER A 287 -6.33 -4.90 -15.82
C SER A 287 -6.43 -3.85 -14.74
N HIS A 288 -5.72 -2.74 -14.94
CA HIS A 288 -5.70 -1.66 -13.98
C HIS A 288 -7.11 -1.28 -13.59
N CYS A 289 -7.92 -1.03 -14.61
CA CYS A 289 -9.31 -0.64 -14.45
C CYS A 289 -10.07 -1.68 -13.61
N ILE A 290 -10.11 -2.91 -14.12
CA ILE A 290 -10.78 -4.01 -13.46
C ILE A 290 -10.38 -4.17 -11.99
N ALA A 291 -9.08 -4.20 -11.72
CA ALA A 291 -8.64 -4.35 -10.35
C ALA A 291 -9.32 -3.31 -9.46
N GLU A 292 -9.49 -2.11 -9.99
CA GLU A 292 -10.09 -1.03 -9.23
C GLU A 292 -11.62 -0.90 -9.26
N VAL A 293 -12.28 -1.69 -10.10
CA VAL A 293 -13.73 -1.62 -10.25
C VAL A 293 -14.55 -1.70 -8.97
N GLU A 294 -15.61 -0.90 -8.93
CA GLU A 294 -16.53 -0.82 -7.79
C GLU A 294 -17.35 -2.11 -7.61
N ASN A 295 -17.80 -2.37 -6.38
CA ASN A 295 -18.60 -3.57 -6.10
C ASN A 295 -19.88 -3.61 -6.92
N ASP A 296 -20.17 -4.76 -7.51
CA ASP A 296 -21.40 -4.88 -8.27
C ASP A 296 -22.46 -4.93 -7.21
N GLU A 297 -23.73 -4.99 -7.60
CA GLU A 297 -24.77 -5.05 -6.60
C GLU A 297 -25.18 -6.49 -6.35
N MET A 298 -25.35 -6.80 -5.07
CA MET A 298 -25.74 -8.15 -4.63
C MET A 298 -27.23 -8.39 -4.83
N PRO A 299 -27.58 -9.61 -5.24
CA PRO A 299 -28.99 -9.97 -5.45
C PRO A 299 -29.80 -9.75 -4.18
N ALA A 300 -31.07 -9.41 -4.33
CA ALA A 300 -31.96 -9.17 -3.19
C ALA A 300 -32.57 -10.50 -2.77
N ASP A 301 -32.75 -11.38 -3.75
CA ASP A 301 -33.33 -12.69 -3.49
C ASP A 301 -32.24 -13.64 -2.99
N LEU A 302 -31.62 -13.30 -1.87
CA LEU A 302 -30.54 -14.12 -1.29
C LEU A 302 -30.93 -14.77 0.03
N PRO A 303 -30.85 -16.11 0.09
CA PRO A 303 -31.17 -16.93 1.26
C PRO A 303 -30.47 -16.54 2.55
N SER A 304 -30.58 -17.43 3.53
CA SER A 304 -29.97 -17.26 4.84
C SER A 304 -28.82 -18.26 4.96
N LEU A 305 -27.67 -17.77 5.41
CA LEU A 305 -26.50 -18.61 5.57
C LEU A 305 -26.76 -19.82 6.47
N ALA A 306 -27.53 -19.61 7.53
CA ALA A 306 -27.85 -20.68 8.47
C ALA A 306 -28.47 -21.90 7.80
N ALA A 307 -29.13 -21.70 6.67
CA ALA A 307 -29.74 -22.82 5.96
C ALA A 307 -28.72 -23.90 5.61
N ASP A 308 -27.74 -23.55 4.76
CA ASP A 308 -26.71 -24.50 4.33
C ASP A 308 -25.57 -24.66 5.32
N PHE A 309 -25.41 -23.74 6.26
CA PHE A 309 -24.29 -23.85 7.18
C PHE A 309 -24.59 -24.15 8.65
N VAL A 310 -25.84 -24.03 9.07
CA VAL A 310 -26.16 -24.33 10.47
C VAL A 310 -27.36 -25.24 10.65
N GLU A 311 -28.51 -24.76 10.18
CA GLU A 311 -29.78 -25.48 10.29
C GLU A 311 -29.90 -26.70 9.37
N SER A 312 -28.84 -27.03 8.65
CA SER A 312 -28.90 -28.19 7.76
C SER A 312 -27.98 -29.29 8.24
N LYS A 313 -28.53 -30.47 8.54
CA LYS A 313 -27.69 -31.57 8.94
C LYS A 313 -27.00 -31.90 7.63
N ASP A 314 -26.10 -32.88 7.61
CA ASP A 314 -25.42 -33.19 6.35
C ASP A 314 -24.35 -32.10 6.10
N VAL A 315 -24.07 -31.31 7.14
CA VAL A 315 -23.07 -30.24 7.07
C VAL A 315 -21.67 -30.78 7.36
N CYS A 316 -21.51 -31.57 8.42
CA CYS A 316 -20.22 -32.15 8.73
C CYS A 316 -19.86 -33.11 7.60
N LYS A 317 -20.86 -33.56 6.88
CA LYS A 317 -20.65 -34.46 5.76
C LYS A 317 -20.13 -33.68 4.54
N ASN A 318 -20.65 -32.47 4.32
CA ASN A 318 -20.19 -31.66 3.19
C ASN A 318 -18.78 -31.18 3.44
N TYR A 319 -18.53 -30.77 4.67
CA TYR A 319 -17.24 -30.28 5.11
C TYR A 319 -16.16 -31.36 5.03
N ALA A 320 -16.45 -32.54 5.56
CA ALA A 320 -15.48 -33.65 5.53
C ALA A 320 -15.21 -34.04 4.09
N GLU A 321 -16.26 -34.02 3.27
CA GLU A 321 -16.20 -34.33 1.86
C GLU A 321 -15.05 -33.56 1.20
N ALA A 322 -14.91 -32.28 1.57
CA ALA A 322 -13.85 -31.40 1.04
C ALA A 322 -13.79 -30.13 1.91
N LYS A 323 -12.99 -30.18 2.96
CA LYS A 323 -12.88 -29.07 3.89
C LYS A 323 -12.68 -27.66 3.34
N ASP A 324 -11.59 -27.44 2.60
CA ASP A 324 -11.34 -26.11 2.08
C ASP A 324 -12.42 -25.63 1.13
N VAL A 325 -12.97 -26.52 0.34
CA VAL A 325 -14.01 -26.09 -0.59
C VAL A 325 -15.27 -25.63 0.12
N PHE A 326 -15.66 -26.37 1.14
CA PHE A 326 -16.84 -26.01 1.89
C PHE A 326 -16.60 -24.66 2.58
N LEU A 327 -15.43 -24.50 3.20
CA LEU A 327 -15.09 -23.24 3.86
C LEU A 327 -15.08 -22.11 2.83
N GLY A 328 -14.66 -22.44 1.61
CA GLY A 328 -14.63 -21.45 0.56
C GLY A 328 -16.04 -21.00 0.28
N MET A 329 -16.97 -21.94 0.15
CA MET A 329 -18.36 -21.60 -0.12
C MET A 329 -18.91 -20.72 1.00
N PHE A 330 -18.47 -20.99 2.22
CA PHE A 330 -18.89 -20.20 3.37
C PHE A 330 -18.45 -18.75 3.16
N LEU A 331 -17.14 -18.55 2.99
CA LEU A 331 -16.55 -17.23 2.76
C LEU A 331 -17.26 -16.51 1.62
N TYR A 332 -17.48 -17.26 0.54
CA TYR A 332 -18.13 -16.72 -0.63
C TYR A 332 -19.53 -16.20 -0.27
N GLU A 333 -20.30 -17.06 0.39
CA GLU A 333 -21.65 -16.73 0.80
C GLU A 333 -21.68 -15.60 1.81
N TYR A 334 -20.70 -15.59 2.71
CA TYR A 334 -20.65 -14.55 3.72
C TYR A 334 -20.12 -13.21 3.18
N ALA A 335 -19.06 -13.25 2.38
CA ALA A 335 -18.44 -12.05 1.84
C ALA A 335 -19.29 -11.28 0.83
N ARG A 336 -20.00 -11.99 -0.04
CA ARG A 336 -20.82 -11.30 -1.04
C ARG A 336 -22.07 -10.67 -0.45
N ARG A 337 -22.30 -10.92 0.83
CA ARG A 337 -23.46 -10.34 1.49
C ARG A 337 -22.95 -9.25 2.39
N HIS A 338 -21.64 -9.11 2.44
CA HIS A 338 -21.03 -8.10 3.27
C HIS A 338 -19.91 -7.30 2.65
N PRO A 339 -20.24 -6.39 1.73
CA PRO A 339 -19.21 -5.57 1.09
C PRO A 339 -18.69 -4.60 2.15
N ASP A 340 -19.47 -4.44 3.22
CA ASP A 340 -19.12 -3.54 4.30
C ASP A 340 -18.09 -4.12 5.28
N TYR A 341 -17.85 -5.41 5.25
CA TYR A 341 -16.87 -5.99 6.15
C TYR A 341 -15.48 -5.89 5.55
N SER A 342 -14.49 -5.86 6.43
CA SER A 342 -13.09 -5.82 6.00
C SER A 342 -12.80 -7.27 5.63
N VAL A 343 -11.98 -7.49 4.62
CA VAL A 343 -11.63 -8.85 4.20
C VAL A 343 -11.12 -9.65 5.40
N VAL A 344 -10.24 -9.04 6.17
CA VAL A 344 -9.67 -9.74 7.31
C VAL A 344 -10.75 -10.11 8.36
N LEU A 345 -11.82 -9.31 8.44
CA LEU A 345 -12.91 -9.63 9.37
C LEU A 345 -13.56 -10.94 8.88
N LEU A 346 -13.80 -11.03 7.58
CA LEU A 346 -14.40 -12.20 6.98
C LEU A 346 -13.57 -13.45 7.30
N LEU A 347 -12.26 -13.34 7.15
CA LEU A 347 -11.34 -14.44 7.42
C LEU A 347 -11.44 -14.88 8.87
N ARG A 348 -11.56 -13.90 9.77
CA ARG A 348 -11.72 -14.22 11.19
C ARG A 348 -12.97 -15.06 11.41
N LEU A 349 -14.09 -14.67 10.79
CA LEU A 349 -15.32 -15.44 10.96
C LEU A 349 -15.14 -16.88 10.47
N ALA A 350 -14.69 -17.03 9.23
CA ALA A 350 -14.46 -18.35 8.65
C ALA A 350 -13.50 -19.16 9.51
N LYS A 351 -12.48 -18.48 10.04
CA LYS A 351 -11.50 -19.15 10.88
C LYS A 351 -12.25 -19.68 12.10
N THR A 352 -13.17 -18.85 12.62
CA THR A 352 -13.95 -19.24 13.78
C THR A 352 -14.84 -20.42 13.42
N TYR A 353 -15.54 -20.31 12.29
CA TYR A 353 -16.40 -21.39 11.83
C TYR A 353 -15.57 -22.68 11.76
N GLU A 354 -14.45 -22.62 11.04
CA GLU A 354 -13.56 -23.77 10.90
C GLU A 354 -13.26 -24.44 12.23
N THR A 355 -12.81 -23.67 13.21
CA THR A 355 -12.51 -24.22 14.53
C THR A 355 -13.72 -24.94 15.11
N THR A 356 -14.90 -24.34 14.95
CA THR A 356 -16.13 -24.94 15.44
C THR A 356 -16.37 -26.30 14.77
N LEU A 357 -16.46 -26.32 13.44
CA LEU A 357 -16.68 -27.56 12.72
C LEU A 357 -15.66 -28.64 13.10
N GLU A 358 -14.41 -28.25 13.34
CA GLU A 358 -13.40 -29.23 13.72
C GLU A 358 -13.70 -29.86 15.06
N LYS A 359 -14.00 -29.04 16.06
CA LYS A 359 -14.32 -29.52 17.40
C LYS A 359 -15.83 -29.59 17.60
N CYS A 360 -16.53 -30.27 16.69
CA CYS A 360 -17.98 -30.41 16.75
C CYS A 360 -18.48 -31.49 15.79
N CYS A 361 -17.68 -31.79 14.79
CA CYS A 361 -18.06 -32.79 13.82
C CYS A 361 -17.55 -34.13 14.31
N ALA A 362 -16.73 -34.07 15.35
CA ALA A 362 -16.19 -35.27 15.96
C ALA A 362 -16.86 -35.40 17.31
N ALA A 363 -18.05 -34.83 17.42
CA ALA A 363 -18.83 -34.86 18.66
C ALA A 363 -20.06 -35.73 18.52
N ALA A 364 -20.77 -35.92 19.64
CA ALA A 364 -21.97 -36.75 19.68
C ALA A 364 -23.04 -36.26 18.71
N ASP A 365 -23.79 -35.25 19.12
CA ASP A 365 -24.84 -34.67 18.29
C ASP A 365 -24.24 -33.41 17.66
N PRO A 366 -23.73 -33.52 16.43
CA PRO A 366 -23.12 -32.41 15.71
C PRO A 366 -24.02 -31.18 15.59
N HIS A 367 -25.18 -31.39 14.97
CA HIS A 367 -26.15 -30.33 14.74
C HIS A 367 -26.35 -29.33 15.87
N GLU A 368 -26.11 -29.75 17.10
CA GLU A 368 -26.30 -28.82 18.19
C GLU A 368 -25.04 -28.40 18.91
N CYS A 369 -23.91 -28.99 18.54
CA CYS A 369 -22.63 -28.64 19.15
C CYS A 369 -22.24 -27.27 18.63
N TYR A 370 -22.50 -27.07 17.34
CA TYR A 370 -22.18 -25.84 16.63
C TYR A 370 -23.36 -24.92 16.40
N ALA A 371 -24.57 -25.44 16.59
CA ALA A 371 -25.83 -24.71 16.41
C ALA A 371 -25.85 -23.21 16.72
N LYS A 372 -25.10 -22.78 17.73
CA LYS A 372 -25.09 -21.36 18.06
C LYS A 372 -23.83 -20.62 17.56
N VAL A 373 -23.23 -21.11 16.48
CA VAL A 373 -22.00 -20.52 15.93
C VAL A 373 -22.15 -19.05 15.50
N PHE A 374 -23.22 -18.74 14.78
CA PHE A 374 -23.45 -17.37 14.36
C PHE A 374 -23.53 -16.43 15.56
N ASP A 375 -23.60 -17.01 16.76
CA ASP A 375 -23.67 -16.22 17.97
C ASP A 375 -22.28 -15.75 18.37
N GLU A 376 -21.27 -16.41 17.84
CA GLU A 376 -19.90 -16.03 18.14
C GLU A 376 -19.32 -15.03 17.16
N PHE A 377 -20.03 -14.81 16.05
CA PHE A 377 -19.60 -13.85 15.04
C PHE A 377 -19.85 -12.40 15.46
N LYS A 378 -20.98 -12.17 16.12
CA LYS A 378 -21.36 -10.83 16.56
C LYS A 378 -20.26 -10.02 17.26
N PRO A 379 -19.62 -10.61 18.29
CA PRO A 379 -18.57 -9.87 18.98
C PRO A 379 -17.33 -9.68 18.10
N LEU A 380 -17.24 -10.49 17.04
CA LEU A 380 -16.12 -10.39 16.12
C LEU A 380 -16.37 -9.21 15.20
N VAL A 381 -17.62 -9.09 14.74
CA VAL A 381 -18.04 -7.99 13.87
C VAL A 381 -18.03 -6.65 14.58
N GLU A 382 -18.59 -6.60 15.78
CA GLU A 382 -18.72 -5.38 16.58
C GLU A 382 -17.45 -4.64 16.99
N GLU A 383 -16.43 -5.38 17.39
CA GLU A 383 -15.16 -4.79 17.81
C GLU A 383 -14.62 -3.79 16.77
N PRO A 384 -14.47 -4.22 15.51
CA PRO A 384 -13.98 -3.34 14.45
C PRO A 384 -14.88 -2.10 14.30
N GLN A 385 -16.18 -2.35 14.20
CA GLN A 385 -17.18 -1.29 14.06
C GLN A 385 -17.14 -0.24 15.18
N ASN A 386 -17.09 -0.69 16.43
CA ASN A 386 -17.05 0.27 17.52
C ASN A 386 -15.79 1.13 17.46
N LEU A 387 -14.68 0.55 16.99
CA LEU A 387 -13.43 1.33 16.88
C LEU A 387 -13.60 2.39 15.81
N ILE A 388 -14.22 2.01 14.69
CA ILE A 388 -14.47 2.97 13.61
C ILE A 388 -15.45 4.01 14.14
N LYS A 389 -16.31 3.58 15.04
CA LYS A 389 -17.30 4.46 15.65
C LYS A 389 -16.62 5.45 16.59
N GLN A 390 -15.95 4.93 17.61
CA GLN A 390 -15.26 5.77 18.59
C GLN A 390 -14.24 6.69 17.94
N ASN A 391 -13.45 6.17 17.02
CA ASN A 391 -12.42 6.99 16.38
C ASN A 391 -12.87 8.02 15.36
N CYS A 392 -13.94 7.75 14.63
CA CYS A 392 -14.43 8.72 13.67
C CYS A 392 -15.11 9.90 14.36
N GLU A 393 -15.73 9.64 15.51
CA GLU A 393 -16.38 10.72 16.25
C GLU A 393 -15.32 11.68 16.77
N LEU A 394 -14.32 11.10 17.45
CA LEU A 394 -13.22 11.85 18.01
C LEU A 394 -12.57 12.66 16.89
N PHE A 395 -12.48 12.05 15.71
CA PHE A 395 -11.90 12.74 14.59
C PHE A 395 -12.71 13.97 14.21
N GLU A 396 -14.03 13.84 14.15
CA GLU A 396 -14.89 14.97 13.79
C GLU A 396 -14.86 16.08 14.83
N GLN A 397 -14.78 15.70 16.10
CA GLN A 397 -14.69 16.65 17.20
C GLN A 397 -13.44 17.48 16.95
N LEU A 398 -12.29 16.90 17.27
CA LEU A 398 -11.00 17.54 17.07
C LEU A 398 -10.83 17.62 15.56
N GLY A 399 -9.74 18.21 15.07
CA GLY A 399 -9.55 18.27 13.63
C GLY A 399 -8.58 17.18 13.25
N GLU A 400 -8.09 17.16 12.03
CA GLU A 400 -7.13 16.12 11.67
C GLU A 400 -5.93 16.17 12.62
N TYR A 401 -5.41 17.38 12.81
CA TYR A 401 -4.26 17.65 13.66
C TYR A 401 -4.43 17.34 15.14
N LYS A 402 -5.49 17.85 15.77
CA LYS A 402 -5.69 17.58 17.20
C LYS A 402 -5.98 16.10 17.44
N PHE A 403 -6.57 15.47 16.44
CA PHE A 403 -6.88 14.06 16.48
C PHE A 403 -5.56 13.32 16.43
N GLN A 404 -4.64 13.82 15.61
CA GLN A 404 -3.32 13.21 15.49
C GLN A 404 -2.60 13.28 16.82
N ASN A 405 -2.72 14.41 17.49
CA ASN A 405 -2.08 14.59 18.79
C ASN A 405 -2.62 13.58 19.79
N ALA A 406 -3.93 13.31 19.71
CA ALA A 406 -4.58 12.36 20.60
C ALA A 406 -3.92 11.00 20.40
N LEU A 407 -3.80 10.61 19.14
CA LEU A 407 -3.17 9.33 18.82
C LEU A 407 -1.75 9.30 19.35
N LEU A 408 -1.08 10.44 19.23
CA LEU A 408 0.29 10.60 19.66
C LEU A 408 0.45 10.23 21.12
N VAL A 409 -0.39 10.79 21.97
CA VAL A 409 -0.33 10.51 23.39
C VAL A 409 -0.66 9.05 23.64
N ARG A 410 -1.73 8.60 22.99
CA ARG A 410 -2.20 7.23 23.14
C ARG A 410 -1.18 6.12 22.88
N TYR A 411 -0.45 6.20 21.77
CA TYR A 411 0.50 5.15 21.47
C TYR A 411 1.84 5.27 22.17
N THR A 412 2.22 6.48 22.55
CA THR A 412 3.47 6.67 23.26
C THR A 412 3.36 5.93 24.59
N LYS A 413 2.18 6.04 25.21
CA LYS A 413 1.92 5.37 26.49
C LYS A 413 1.86 3.85 26.35
N LYS A 414 1.56 3.37 25.14
CA LYS A 414 1.47 1.92 24.93
C LYS A 414 2.85 1.32 24.69
N VAL A 415 3.68 2.04 23.94
CA VAL A 415 5.04 1.59 23.63
C VAL A 415 5.94 2.82 23.71
N PRO A 416 6.33 3.22 24.93
CA PRO A 416 7.21 4.38 25.16
C PRO A 416 8.63 4.15 24.69
N GLN A 417 8.93 2.91 24.33
CA GLN A 417 10.26 2.51 23.87
C GLN A 417 10.47 2.85 22.39
N VAL A 418 9.38 2.98 21.65
CA VAL A 418 9.50 3.30 20.24
C VAL A 418 10.13 4.68 20.07
N SER A 419 10.83 4.84 18.95
CA SER A 419 11.50 6.08 18.64
C SER A 419 10.51 7.23 18.45
N THR A 420 10.91 8.42 18.90
CA THR A 420 10.09 9.60 18.79
C THR A 420 9.71 9.95 17.35
N PRO A 421 10.64 9.81 16.41
CA PRO A 421 10.27 10.14 15.04
C PRO A 421 9.37 9.08 14.42
N THR A 422 9.57 7.84 14.84
CA THR A 422 8.75 6.74 14.35
C THR A 422 7.31 6.90 14.85
N LEU A 423 7.17 7.34 16.10
CA LEU A 423 5.85 7.56 16.67
C LEU A 423 5.11 8.66 15.91
N VAL A 424 5.83 9.73 15.61
CA VAL A 424 5.28 10.87 14.88
C VAL A 424 4.83 10.43 13.49
N GLU A 425 5.65 9.65 12.81
CA GLU A 425 5.32 9.14 11.47
C GLU A 425 4.01 8.34 11.54
N VAL A 426 4.03 7.28 12.35
CA VAL A 426 2.87 6.41 12.50
C VAL A 426 1.59 7.16 12.89
N SER A 427 1.65 7.98 13.92
CA SER A 427 0.48 8.75 14.37
C SER A 427 -0.12 9.66 13.32
N ARG A 428 0.70 10.17 12.41
CA ARG A 428 0.21 11.05 11.37
C ARG A 428 -0.46 10.31 10.21
N ASN A 429 0.15 9.23 9.74
CA ASN A 429 -0.42 8.45 8.65
C ASN A 429 -1.71 7.86 9.19
N LEU A 430 -1.62 7.42 10.43
CA LEU A 430 -2.76 6.85 11.12
C LEU A 430 -3.83 7.91 11.14
N GLY A 431 -3.42 9.11 11.52
CA GLY A 431 -4.34 10.24 11.58
C GLY A 431 -4.97 10.50 10.23
N LYS A 432 -4.22 10.18 9.17
CA LYS A 432 -4.72 10.39 7.82
C LYS A 432 -5.83 9.42 7.53
N VAL A 433 -5.58 8.15 7.77
CA VAL A 433 -6.58 7.12 7.54
C VAL A 433 -7.91 7.61 8.10
N GLY A 434 -7.85 8.31 9.22
CA GLY A 434 -9.07 8.83 9.81
C GLY A 434 -9.74 9.89 8.97
N SER A 435 -8.97 10.88 8.52
CA SER A 435 -9.52 11.96 7.72
C SER A 435 -9.94 11.50 6.33
N LYS A 436 -9.39 10.38 5.91
CA LYS A 436 -9.69 9.85 4.59
C LYS A 436 -10.83 8.84 4.57
N CYS A 437 -11.03 8.13 5.68
CA CYS A 437 -12.09 7.13 5.72
C CYS A 437 -13.31 7.58 6.46
N CYS A 438 -13.11 8.31 7.54
CA CYS A 438 -14.24 8.77 8.33
C CYS A 438 -15.27 9.57 7.56
N LYS A 439 -14.90 10.11 6.41
CA LYS A 439 -15.85 10.88 5.66
C LYS A 439 -16.80 9.97 4.88
N HIS A 440 -16.40 8.72 4.68
CA HIS A 440 -17.24 7.76 3.98
C HIS A 440 -18.49 7.37 4.80
N PRO A 441 -19.46 6.75 4.14
CA PRO A 441 -20.66 6.37 4.91
C PRO A 441 -20.24 5.08 5.59
N GLU A 442 -20.65 4.89 6.83
CA GLU A 442 -20.32 3.69 7.58
C GLU A 442 -20.23 2.37 6.76
N ALA A 443 -21.18 2.15 5.86
CA ALA A 443 -21.18 0.92 5.06
C ALA A 443 -19.97 0.73 4.18
N LYS A 444 -19.07 1.70 4.17
CA LYS A 444 -17.87 1.64 3.36
C LYS A 444 -16.60 1.93 4.18
N ARG A 445 -16.79 2.35 5.41
CA ARG A 445 -15.68 2.68 6.28
C ARG A 445 -14.67 1.59 6.57
N MET A 446 -15.13 0.43 7.02
CA MET A 446 -14.23 -0.66 7.35
C MET A 446 -13.31 -1.13 6.25
N PRO A 447 -13.83 -1.31 5.03
CA PRO A 447 -12.94 -1.76 3.96
C PRO A 447 -11.87 -0.70 3.73
N CYS A 448 -12.25 0.55 3.93
CA CYS A 448 -11.35 1.67 3.75
C CYS A 448 -10.18 1.57 4.72
N ALA A 449 -10.48 1.52 6.02
CA ALA A 449 -9.47 1.42 7.05
C ALA A 449 -8.54 0.22 6.85
N GLU A 450 -9.13 -0.94 6.55
CA GLU A 450 -8.33 -2.13 6.35
C GLU A 450 -7.23 -1.84 5.35
N ASP A 451 -7.64 -1.33 4.20
CA ASP A 451 -6.71 -1.02 3.13
C ASP A 451 -5.57 -0.09 3.57
N TYR A 452 -5.89 0.99 4.26
CA TYR A 452 -4.87 1.94 4.71
C TYR A 452 -4.01 1.41 5.87
N LEU A 453 -4.65 0.77 6.83
CA LEU A 453 -3.98 0.24 8.00
C LEU A 453 -2.98 -0.87 7.68
N SER A 454 -3.27 -1.69 6.68
CA SER A 454 -2.37 -2.77 6.32
C SER A 454 -1.02 -2.19 5.90
N VAL A 455 -1.09 -1.11 5.13
CA VAL A 455 0.09 -0.43 4.64
C VAL A 455 0.86 0.14 5.82
N VAL A 456 0.16 0.89 6.66
CA VAL A 456 0.74 1.52 7.83
C VAL A 456 1.33 0.52 8.83
N LEU A 457 0.62 -0.59 9.04
CA LEU A 457 1.06 -1.61 10.00
C LEU A 457 2.27 -2.40 9.52
N ASN A 458 2.37 -2.61 8.22
CA ASN A 458 3.52 -3.33 7.69
C ASN A 458 4.71 -2.37 7.70
N GLN A 459 4.44 -1.12 7.34
CA GLN A 459 5.47 -0.09 7.34
C GLN A 459 6.02 0.02 8.75
N LEU A 460 5.12 -0.09 9.73
CA LEU A 460 5.49 0.00 11.13
C LEU A 460 6.38 -1.18 11.52
N CYS A 461 5.93 -2.38 11.13
CA CYS A 461 6.64 -3.62 11.43
C CYS A 461 8.00 -3.81 10.81
N VAL A 462 8.26 -3.16 9.68
CA VAL A 462 9.55 -3.27 9.01
C VAL A 462 10.56 -2.47 9.80
N LEU A 463 10.26 -1.20 10.05
CA LEU A 463 11.17 -0.35 10.80
C LEU A 463 11.57 -1.06 12.08
N HIS A 464 10.62 -1.70 12.72
CA HIS A 464 10.87 -2.40 13.97
C HIS A 464 11.66 -3.68 13.73
N GLU A 465 11.39 -4.35 12.61
CA GLU A 465 12.10 -5.59 12.28
C GLU A 465 13.59 -5.31 12.33
N LYS A 466 13.98 -4.20 11.72
CA LYS A 466 15.37 -3.77 11.65
C LYS A 466 15.91 -3.33 13.00
N THR A 467 15.22 -2.40 13.64
CA THR A 467 15.63 -1.88 14.94
C THR A 467 14.60 -2.25 16.01
N PRO A 468 14.45 -3.55 16.28
CA PRO A 468 13.47 -4.00 17.30
C PRO A 468 13.69 -3.30 18.63
N VAL A 469 12.59 -2.95 19.30
CA VAL A 469 12.67 -2.26 20.58
C VAL A 469 11.68 -2.80 21.60
N SER A 470 10.74 -3.63 21.15
CA SER A 470 9.75 -4.19 22.05
C SER A 470 9.23 -5.56 21.60
N ASP A 471 9.05 -6.46 22.56
CA ASP A 471 8.55 -7.80 22.27
C ASP A 471 7.09 -7.67 21.85
N ARG A 472 6.34 -6.91 22.63
CA ARG A 472 4.92 -6.69 22.38
C ARG A 472 4.64 -6.35 20.93
N VAL A 473 5.45 -5.44 20.36
CA VAL A 473 5.30 -5.04 18.98
C VAL A 473 5.72 -6.19 18.07
N THR A 474 6.84 -6.81 18.40
CA THR A 474 7.34 -7.92 17.60
C THR A 474 6.34 -9.06 17.60
N LYS A 475 5.58 -9.17 18.68
CA LYS A 475 4.56 -10.20 18.80
C LYS A 475 3.47 -9.90 17.79
N CYS A 476 2.92 -8.70 17.85
CA CYS A 476 1.87 -8.33 16.92
C CYS A 476 2.37 -8.44 15.49
N CYS A 477 3.62 -8.05 15.25
CA CYS A 477 4.21 -8.08 13.91
C CYS A 477 4.48 -9.47 13.32
N THR A 478 4.59 -10.49 14.16
CA THR A 478 4.85 -11.84 13.66
C THR A 478 3.67 -12.77 13.88
N GLU A 479 2.54 -12.18 14.31
CA GLU A 479 1.31 -12.91 14.57
C GLU A 479 0.65 -13.16 13.20
N SER A 480 -0.51 -13.80 13.18
CA SER A 480 -1.19 -14.05 11.91
C SER A 480 -1.74 -12.72 11.40
N LEU A 481 -1.79 -12.54 10.09
CA LEU A 481 -2.29 -11.28 9.53
C LEU A 481 -3.78 -11.12 9.73
N VAL A 482 -4.34 -11.93 10.62
CA VAL A 482 -5.76 -11.90 10.95
C VAL A 482 -5.86 -11.32 12.36
N ASN A 483 -4.78 -11.50 13.13
CA ASN A 483 -4.71 -11.01 14.49
C ASN A 483 -3.77 -9.82 14.59
N ARG A 484 -3.17 -9.44 13.47
CA ARG A 484 -2.24 -8.31 13.48
C ARG A 484 -2.85 -7.06 14.10
N ARG A 485 -3.87 -6.51 13.44
CA ARG A 485 -4.52 -5.30 13.94
C ARG A 485 -5.15 -5.53 15.32
N PRO A 486 -5.86 -6.66 15.53
CA PRO A 486 -6.46 -6.85 16.86
C PRO A 486 -5.38 -6.86 17.95
N CYS A 487 -4.24 -7.44 17.63
CA CYS A 487 -3.12 -7.51 18.54
C CYS A 487 -2.64 -6.10 18.91
N PHE A 488 -2.50 -5.24 17.92
CA PHE A 488 -2.08 -3.86 18.20
C PHE A 488 -3.14 -3.12 18.99
N SER A 489 -4.40 -3.32 18.60
CA SER A 489 -5.52 -2.69 19.28
C SER A 489 -5.55 -3.09 20.75
N ALA A 490 -5.14 -4.33 21.02
CA ALA A 490 -5.12 -4.85 22.39
C ALA A 490 -4.11 -4.15 23.30
N LEU A 491 -2.90 -3.89 22.80
CA LEU A 491 -1.85 -3.24 23.59
C LEU A 491 -2.38 -2.31 24.66
N GLU A 492 -1.85 -2.48 25.86
CA GLU A 492 -2.26 -1.66 27.01
C GLU A 492 -1.14 -0.70 27.39
N VAL A 493 -1.45 0.24 28.27
CA VAL A 493 -0.44 1.19 28.70
C VAL A 493 0.74 0.42 29.29
N ASP A 494 1.93 0.98 29.17
CA ASP A 494 3.13 0.32 29.68
C ASP A 494 3.40 0.73 31.12
N GLU A 495 3.05 -0.16 32.05
CA GLU A 495 3.25 0.11 33.47
C GLU A 495 4.74 -0.05 33.80
N THR A 496 5.36 -1.05 33.20
CA THR A 496 6.77 -1.33 33.41
C THR A 496 7.69 -0.14 33.10
N TYR A 497 7.33 0.63 32.07
CA TYR A 497 8.12 1.76 31.62
C TYR A 497 8.70 2.72 32.66
N VAL A 498 9.99 3.01 32.49
CA VAL A 498 10.70 3.92 33.36
C VAL A 498 10.97 5.18 32.54
N PRO A 499 10.26 6.29 32.84
CA PRO A 499 10.38 7.58 32.16
C PRO A 499 11.81 8.10 32.00
N LYS A 500 12.07 8.69 30.84
CA LYS A 500 13.38 9.24 30.53
C LYS A 500 13.67 10.40 31.47
N GLU A 501 14.94 10.75 31.64
CA GLU A 501 15.34 11.84 32.51
C GLU A 501 14.93 13.16 31.87
N PHE A 502 15.09 14.27 32.59
CA PHE A 502 14.73 15.56 32.03
C PHE A 502 15.85 16.11 31.16
N ASN A 503 15.49 16.94 30.18
CA ASN A 503 16.47 17.55 29.30
C ASN A 503 15.94 18.88 28.77
N ALA A 504 16.37 19.96 29.39
CA ALA A 504 15.94 21.30 29.01
C ALA A 504 15.88 21.52 27.50
N GLU A 505 16.95 21.12 26.82
CA GLU A 505 17.05 21.26 25.36
C GLU A 505 15.80 20.74 24.66
N THR A 506 15.46 19.48 24.90
CA THR A 506 14.29 18.86 24.30
C THR A 506 13.06 19.73 24.41
N PHE A 507 13.04 20.63 25.39
CA PHE A 507 11.88 21.50 25.57
C PHE A 507 12.21 22.98 25.47
N THR A 508 13.19 23.28 24.61
CA THR A 508 13.63 24.64 24.36
C THR A 508 13.22 25.02 22.94
N PHE A 509 12.60 26.18 22.77
CA PHE A 509 12.17 26.60 21.44
C PHE A 509 12.61 28.00 21.04
N HIS A 510 12.97 28.16 19.77
CA HIS A 510 13.40 29.44 19.24
C HIS A 510 12.38 30.03 18.28
N ALA A 511 12.55 31.30 17.94
CA ALA A 511 11.64 32.00 17.03
C ALA A 511 11.54 31.34 15.66
N ASP A 512 12.57 30.56 15.30
CA ASP A 512 12.59 29.88 14.02
C ASP A 512 11.28 29.15 13.76
N ILE A 513 10.71 28.57 14.81
CA ILE A 513 9.45 27.84 14.66
C ILE A 513 8.35 28.76 14.16
N CYS A 514 8.57 30.08 14.23
CA CYS A 514 7.58 31.03 13.75
C CYS A 514 7.65 31.11 12.23
N THR A 515 8.85 30.96 11.69
CA THR A 515 9.08 31.03 10.25
C THR A 515 9.07 29.66 9.59
N LEU A 516 8.18 28.78 10.05
CA LEU A 516 8.08 27.44 9.48
C LEU A 516 6.66 27.20 8.99
N SER A 517 6.53 26.28 8.03
CA SER A 517 5.23 25.95 7.47
C SER A 517 4.34 25.28 8.51
N GLU A 518 3.03 25.35 8.32
CA GLU A 518 2.10 24.73 9.24
C GLU A 518 2.47 23.26 9.39
N LYS A 519 2.89 22.66 8.28
CA LYS A 519 3.27 21.25 8.27
C LYS A 519 4.67 21.05 8.84
N GLU A 520 5.27 22.14 9.29
CA GLU A 520 6.61 22.09 9.87
C GLU A 520 6.54 22.31 11.37
N ARG A 521 5.82 23.36 11.76
CA ARG A 521 5.63 23.69 13.17
C ARG A 521 5.05 22.45 13.83
N GLN A 522 4.06 21.86 13.16
CA GLN A 522 3.37 20.66 13.61
C GLN A 522 4.33 19.57 14.06
N ILE A 523 5.15 19.09 13.14
CA ILE A 523 6.11 18.05 13.47
C ILE A 523 6.99 18.48 14.63
N LYS A 524 7.27 19.78 14.73
CA LYS A 524 8.10 20.26 15.81
C LYS A 524 7.37 20.19 17.15
N LYS A 525 6.11 20.60 17.13
CA LYS A 525 5.26 20.58 18.33
C LYS A 525 4.98 19.13 18.71
N GLN A 526 4.70 18.31 17.71
CA GLN A 526 4.40 16.90 17.92
C GLN A 526 5.59 16.12 18.46
N THR A 527 6.80 16.53 18.11
CA THR A 527 7.98 15.85 18.60
C THR A 527 8.13 16.13 20.09
N ALA A 528 7.84 17.37 20.47
CA ALA A 528 7.93 17.75 21.87
C ALA A 528 6.85 17.01 22.66
N LEU A 529 5.69 16.83 22.02
CA LEU A 529 4.59 16.15 22.67
C LEU A 529 4.98 14.74 23.11
N VAL A 530 5.57 13.98 22.20
CA VAL A 530 5.99 12.62 22.54
C VAL A 530 7.00 12.64 23.67
N GLU A 531 7.99 13.51 23.54
CA GLU A 531 9.05 13.66 24.54
C GLU A 531 8.43 14.02 25.87
N LEU A 532 7.35 14.80 25.82
CA LEU A 532 6.64 15.19 27.03
C LEU A 532 6.06 13.92 27.68
N VAL A 533 5.24 13.21 26.93
CA VAL A 533 4.63 11.99 27.43
C VAL A 533 5.71 10.97 27.85
N LYS A 534 6.86 10.98 27.17
CA LYS A 534 7.92 10.03 27.51
C LYS A 534 8.62 10.39 28.82
N HIS A 535 8.42 11.63 29.26
CA HIS A 535 9.03 12.11 30.49
C HIS A 535 8.05 12.04 31.66
N LYS A 536 6.77 12.20 31.36
CA LYS A 536 5.70 12.14 32.36
C LYS A 536 4.56 11.27 31.83
N PRO A 537 4.79 9.96 31.71
CA PRO A 537 3.83 8.95 31.23
C PRO A 537 2.54 8.79 32.03
N LYS A 538 2.59 9.17 33.30
CA LYS A 538 1.43 9.05 34.19
C LYS A 538 0.63 10.34 34.11
N ALA A 539 0.91 11.14 33.10
CA ALA A 539 0.19 12.39 32.93
C ALA A 539 -1.28 12.09 32.65
N THR A 540 -2.12 13.11 32.63
CA THR A 540 -3.54 12.93 32.39
C THR A 540 -3.98 13.72 31.17
N LYS A 541 -5.07 13.30 30.54
CA LYS A 541 -5.55 14.05 29.38
C LYS A 541 -5.89 15.45 29.87
N GLU A 542 -6.10 15.58 31.18
CA GLU A 542 -6.42 16.87 31.77
C GLU A 542 -5.14 17.67 32.02
N GLN A 543 -4.22 17.10 32.80
CA GLN A 543 -2.95 17.74 33.09
C GLN A 543 -2.27 18.09 31.78
N LEU A 544 -2.31 17.15 30.86
CA LEU A 544 -1.71 17.30 29.55
C LEU A 544 -2.33 18.45 28.77
N LYS A 545 -3.65 18.37 28.55
CA LYS A 545 -4.36 19.41 27.81
C LYS A 545 -4.07 20.79 28.36
N ALA A 546 -3.84 20.88 29.67
CA ALA A 546 -3.54 22.17 30.29
C ALA A 546 -2.15 22.64 29.86
N VAL A 547 -1.18 21.73 29.88
CA VAL A 547 0.19 22.07 29.49
C VAL A 547 0.24 22.41 28.00
N MET A 548 -0.42 21.60 27.19
CA MET A 548 -0.44 21.84 25.75
C MET A 548 -1.06 23.18 25.47
N ASP A 549 -2.05 23.55 26.28
CA ASP A 549 -2.74 24.82 26.11
C ASP A 549 -1.82 26.00 26.40
N ASP A 550 -1.07 25.91 27.50
CA ASP A 550 -0.16 26.99 27.84
C ASP A 550 0.87 27.13 26.75
N PHE A 551 1.20 26.01 26.10
CA PHE A 551 2.18 26.03 25.03
C PHE A 551 1.58 26.72 23.82
N ALA A 552 0.32 26.40 23.52
CA ALA A 552 -0.35 27.02 22.39
C ALA A 552 -0.10 28.52 22.45
N ALA A 553 -0.58 29.15 23.52
CA ALA A 553 -0.40 30.58 23.72
C ALA A 553 1.06 30.95 23.55
N PHE A 554 1.91 30.35 24.40
CA PHE A 554 3.35 30.57 24.37
C PHE A 554 3.87 30.85 22.96
N VAL A 555 3.53 29.97 22.02
CA VAL A 555 3.96 30.11 20.63
C VAL A 555 3.46 31.42 20.01
N GLU A 556 2.16 31.48 19.73
CA GLU A 556 1.56 32.67 19.14
C GLU A 556 2.02 33.93 19.87
N LYS A 557 1.95 33.89 21.19
CA LYS A 557 2.33 35.03 22.04
C LYS A 557 3.77 35.47 21.79
N CYS A 558 4.70 34.53 21.68
CA CYS A 558 6.09 34.86 21.45
C CYS A 558 6.44 35.19 20.00
N CYS A 559 5.59 34.77 19.06
CA CYS A 559 5.87 35.09 17.66
C CYS A 559 5.26 36.45 17.32
N LYS A 560 4.06 36.70 17.80
CA LYS A 560 3.37 37.97 17.55
C LYS A 560 3.79 39.05 18.56
N ALA A 561 4.97 38.87 19.15
CA ALA A 561 5.48 39.84 20.13
C ALA A 561 6.88 40.33 19.75
N ASP A 562 7.10 41.63 19.93
CA ASP A 562 8.39 42.26 19.62
C ASP A 562 9.56 41.41 20.11
N ASP A 563 10.70 41.49 19.42
CA ASP A 563 11.88 40.71 19.78
C ASP A 563 11.46 39.28 20.11
N LYS A 564 11.17 38.50 19.09
CA LYS A 564 10.75 37.12 19.27
C LYS A 564 11.72 36.30 20.12
N GLU A 565 12.95 36.15 19.63
CA GLU A 565 13.97 35.37 20.32
C GLU A 565 13.97 35.48 21.84
N THR A 566 14.13 36.68 22.38
CA THR A 566 14.12 36.85 23.82
C THR A 566 12.84 36.27 24.41
N CYS A 567 11.70 36.71 23.91
CA CYS A 567 10.41 36.23 24.40
C CYS A 567 10.48 34.73 24.70
N PHE A 568 10.76 33.96 23.66
CA PHE A 568 10.87 32.51 23.81
C PHE A 568 11.75 32.10 24.97
N ALA A 569 12.96 32.64 25.02
CA ALA A 569 13.89 32.30 26.10
C ALA A 569 13.40 32.82 27.45
N GLU A 570 12.50 33.79 27.44
CA GLU A 570 11.96 34.37 28.66
C GLU A 570 10.75 33.57 29.16
N GLU A 571 9.69 33.56 28.38
CA GLU A 571 8.50 32.81 28.75
C GLU A 571 8.85 31.33 28.80
N GLY A 572 9.83 30.93 27.99
CA GLY A 572 10.25 29.54 27.94
C GLY A 572 10.78 29.01 29.27
N LYS A 573 11.57 29.82 29.96
CA LYS A 573 12.10 29.42 31.25
C LYS A 573 10.89 29.21 32.15
N LYS A 574 9.95 30.16 32.07
CA LYS A 574 8.72 30.13 32.86
C LYS A 574 7.90 28.88 32.55
N LEU A 575 7.64 28.66 31.27
CA LEU A 575 6.85 27.51 30.82
C LEU A 575 7.38 26.20 31.37
N VAL A 576 8.62 25.88 31.00
CA VAL A 576 9.24 24.65 31.46
C VAL A 576 9.12 24.53 32.95
N ALA A 577 9.20 25.67 33.64
CA ALA A 577 9.13 25.70 35.10
C ALA A 577 7.74 25.41 35.65
N ALA A 578 6.76 26.18 35.21
CA ALA A 578 5.38 25.99 35.67
C ALA A 578 4.87 24.60 35.27
N SER A 579 5.31 24.13 34.11
CA SER A 579 4.89 22.83 33.61
C SER A 579 5.48 21.69 34.43
N GLN A 580 6.79 21.69 34.65
CA GLN A 580 7.41 20.63 35.42
C GLN A 580 6.73 20.51 36.77
N ALA A 581 6.14 21.61 37.22
CA ALA A 581 5.47 21.67 38.52
C ALA A 581 4.09 20.99 38.57
N ALA A 582 3.28 21.23 37.55
CA ALA A 582 1.96 20.64 37.48
C ALA A 582 2.09 19.13 37.37
N LEU A 583 3.04 18.70 36.57
CA LEU A 583 3.28 17.28 36.35
C LEU A 583 4.13 16.68 37.46
N GLY A 584 4.32 17.43 38.54
CA GLY A 584 5.11 16.96 39.66
C GLY A 584 6.18 15.94 39.31
C1 MYR B . 8.67 13.88 -5.27
O1 MYR B . 7.49 14.27 -5.36
O2 MYR B . 9.37 14.09 -4.25
C2 MYR B . 9.29 13.11 -6.43
C3 MYR B . 9.81 14.08 -7.49
C4 MYR B . 8.90 13.85 -8.69
C5 MYR B . 8.45 15.18 -9.34
C6 MYR B . 8.52 15.11 -10.86
C7 MYR B . 7.37 14.30 -11.46
C8 MYR B . 7.78 13.57 -12.73
C9 MYR B . 7.74 12.04 -12.55
C10 MYR B . 7.14 11.35 -13.77
C11 MYR B . 7.30 9.84 -13.70
C12 MYR B . 6.22 9.18 -12.82
C1 MYR C . -2.10 -5.27 -18.22
O1 MYR C . -3.10 -4.56 -17.94
O2 MYR C . -1.32 -5.70 -17.34
C2 MYR C . -1.83 -5.62 -19.69
C3 MYR C . -0.89 -4.59 -20.33
C4 MYR C . 0.10 -5.43 -21.12
C5 MYR C . 1.39 -4.65 -21.38
C6 MYR C . 2.42 -5.50 -22.11
C7 MYR C . 3.84 -5.19 -21.64
C8 MYR C . 4.87 -5.70 -22.64
C9 MYR C . 6.28 -5.29 -22.26
C10 MYR C . 7.21 -5.34 -23.47
C11 MYR C . 8.63 -4.96 -23.09
C12 MYR C . 9.61 -5.29 -24.21
C13 MYR C . 10.90 -5.90 -23.66
C14 MYR C . 11.88 -6.19 -24.79
C1 MYR D . -9.84 -4.97 10.81
O1 MYR D . -8.99 -5.46 11.56
O2 MYR D . -10.92 -5.55 10.58
C2 MYR D . -9.55 -3.64 10.14
C3 MYR D . -10.57 -2.59 10.60
C4 MYR D . -9.84 -1.80 11.68
C5 MYR D . -10.72 -0.69 12.22
C6 MYR D . -9.97 0.12 13.27
C7 MYR D . -10.40 1.58 13.28
C8 MYR D . -9.45 2.47 12.49
C9 MYR D . -9.81 3.95 12.64
C10 MYR D . -8.71 4.87 12.11
C11 MYR D . -7.66 5.17 13.17
C1 MYR E . -6.19 0.98 17.89
O1 MYR E . -7.03 0.18 18.35
O2 MYR E . -5.46 1.69 18.62
C2 MYR E . -6.03 1.09 16.37
C3 MYR E . -5.07 0.01 15.86
C4 MYR E . -4.00 0.77 15.10
C5 MYR E . -2.62 0.21 15.38
C6 MYR E . -1.86 1.11 16.34
C7 MYR E . -0.36 0.86 16.27
C8 MYR E . 0.41 2.04 16.83
C9 MYR E . 1.49 1.60 17.80
C10 MYR E . 2.58 2.66 17.93
C11 MYR E . 3.92 2.17 17.37
C1 MYR F . -0.72 22.62 19.55
O1 MYR F . -0.67 23.49 20.46
O2 MYR F . -1.33 22.82 18.48
C2 MYR F . -0.01 21.27 19.76
C3 MYR F . 0.24 20.96 21.24
C4 MYR F . 1.73 20.62 21.31
C5 MYR F . 2.31 20.98 22.67
C6 MYR F . 3.78 20.56 22.81
C7 MYR F . 4.16 20.39 24.28
C8 MYR F . 5.49 21.06 24.60
C9 MYR F . 5.50 21.67 26.01
C10 MYR F . 6.89 21.58 26.63
C11 MYR F . 6.85 21.85 28.14
C12 MYR F . 7.06 20.55 28.93
C13 MYR F . 8.14 20.70 30.01
C14 MYR F . 8.08 19.55 31.00
C1 MYR G . -5.49 -18.00 7.72
O1 MYR G . -4.94 -19.13 7.75
O2 MYR G . -4.99 -16.99 8.26
C2 MYR G . -6.84 -17.86 7.02
C3 MYR G . -7.99 -18.31 7.92
C4 MYR G . -9.25 -18.08 7.09
C5 MYR G . -10.10 -19.33 6.94
C6 MYR G . -9.52 -20.28 5.90
C7 MYR G . -10.56 -20.67 4.87
C8 MYR G . -10.02 -21.71 3.92
C9 MYR G . -10.76 -21.70 2.60
C10 MYR G . -9.77 -21.63 1.44
C11 MYR G . -10.48 -21.30 0.13
C12 MYR G . -10.37 -22.46 -0.85
C13 MYR G . -10.44 -22.00 -2.29
C14 MYR G . -11.82 -22.19 -2.87
I1 IDB H . -3.50 -6.50 1.36
I2 IDB H . -5.42 -10.57 -2.95
I3 IDB H . -2.46 -12.54 1.97
O1 IDB H . -3.62 -5.96 -1.62
O2 IDB H . -3.11 -9.45 3.69
O3 IDB H . -1.25 -8.89 2.60
N1 IDB H . -5.01 -7.75 -1.56
C1 IDB H . -3.13 -9.54 1.33
C2 IDB H . -3.69 -8.46 0.56
C3 IDB H . -4.37 -8.74 -0.70
C4 IDB H . -4.44 -10.09 -1.15
C5 IDB H . -3.89 -11.17 -0.40
C6 IDB H . -3.23 -10.91 0.83
C7 IDB H . -4.65 -6.50 -1.96
C8 IDB H . -5.66 -5.81 -2.89
C9 IDB H . -2.43 -9.27 2.66
C10 IDB H . -6.67 -6.78 -3.49
C11 IDB H . -7.60 -6.16 -4.54
I4 IDB H . -4.95 -6.46 -7.89
I5 IDB H . -10.48 -8.73 -9.39
I6 IDB H . -5.98 -9.06 -13.32
O4 IDB H . -7.23 -8.93 -6.30
O5 IDB H . -3.49 -8.48 -10.73
O6 IDB H . -4.05 -6.42 -11.36
N2 IDB H . -8.11 -7.24 -7.56
C12 IDB H . -5.76 -7.81 -10.51
C13 IDB H . -6.26 -7.42 -9.23
C14 IDB H . -7.62 -7.66 -8.86
C15 IDB H . -8.47 -8.31 -9.80
C16 IDB H . -8.01 -8.71 -11.08
C17 IDB H . -6.66 -8.47 -11.42
C18 IDB H . -7.89 -7.89 -6.37
C19 IDB H . -8.50 -7.23 -5.16
C20 IDB H . -4.30 -7.54 -10.90
I1 IDB I . -2.80 8.52 -0.59
I2 IDB I . -0.87 5.93 4.66
I3 IDB I . -4.23 2.74 0.79
O1 IDB I . -2.95 9.30 3.42
O2 IDB I . -3.49 5.23 -1.99
O3 IDB I . -5.37 5.73 -0.90
N1 IDB I . -1.29 8.24 2.29
C1 IDB I . -3.36 5.67 0.36
C2 IDB I . -2.69 6.89 0.72
C3 IDB I . -1.96 7.01 1.96
C4 IDB I . -1.91 5.88 2.83
C5 IDB I . -2.56 4.66 2.50
C6 IDB I . -3.28 4.55 1.28
C7 IDB I . -1.80 9.29 2.98
C8 IDB I . -0.86 10.44 3.17
C9 IDB I . -4.15 5.53 -0.96
#